data_9HSS
#
_entry.id   9HSS
#
_cell.length_a   50.415
_cell.length_b   68.068
_cell.length_c   119.174
_cell.angle_alpha   90.000
_cell.angle_beta   90.000
_cell.angle_gamma   90.000
#
_symmetry.space_group_name_H-M   'I 2 2 2'
#
loop_
_entity.id
_entity.type
_entity.pdbx_description
1 polymer 'choline-phosphate cytidylyltransferase'
2 non-polymer 1,4-oxazepane
3 water water
#
_entity_poly.entity_id   1
_entity_poly.type   'polypeptide(L)'
_entity_poly.pdbx_seq_one_letter_code
;GHMAVPDDDDDDDNSNDESEYESSQMDSEKNKGSIKNSKNVVIYADGVYDMLHLGHMKQLEQAKKLFENTTLIVGVTSDN
ETKLFKGQVVQTLEERTETLKHIRWVDEIISPCPWVVTPEFLEKYKIDYVAHDDIPYANNQKEDIYAWLKRAGKFKATQR
TEGVSTTDLIVRILKNYED
;
_entity_poly.pdbx_strand_id   A
#
# COMPACT_ATOMS: atom_id res chain seq x y z
N LYS A 39 -4.07 8.38 -22.38
CA LYS A 39 -5.23 8.05 -21.57
C LYS A 39 -4.83 7.36 -20.28
N ASN A 40 -3.73 6.61 -20.30
CA ASN A 40 -3.33 5.79 -19.16
C ASN A 40 -2.61 6.62 -18.10
N VAL A 41 -2.98 6.39 -16.84
CA VAL A 41 -2.52 7.16 -15.70
C VAL A 41 -1.76 6.23 -14.76
N VAL A 42 -0.54 6.59 -14.39
CA VAL A 42 0.27 5.76 -13.50
C VAL A 42 0.05 6.22 -12.07
N ILE A 43 -0.43 5.31 -11.22
CA ILE A 43 -0.70 5.56 -9.81
C ILE A 43 0.32 4.79 -8.99
N TYR A 44 0.85 5.43 -7.96
CA TYR A 44 1.78 4.77 -7.05
C TYR A 44 1.19 4.75 -5.65
N ALA A 45 1.20 3.57 -5.02
CA ALA A 45 0.84 3.44 -3.61
C ALA A 45 1.96 2.68 -2.93
N ASP A 46 2.32 3.10 -1.72
CA ASP A 46 3.34 2.37 -0.99
C ASP A 46 2.84 2.03 0.41
N GLY A 47 3.55 1.10 1.05
CA GLY A 47 3.10 0.63 2.34
C GLY A 47 3.94 -0.54 2.78
N VAL A 48 3.70 -0.95 4.03
CA VAL A 48 4.32 -2.17 4.53
C VAL A 48 3.58 -3.40 4.03
N TYR A 49 2.25 -3.35 4.04
CA TYR A 49 1.41 -4.46 3.61
C TYR A 49 1.77 -5.73 4.38
N ASP A 50 1.97 -5.58 5.69
CA ASP A 50 2.16 -6.71 6.59
C ASP A 50 0.81 -7.36 6.84
N MET A 51 0.75 -8.68 6.75
CA MET A 51 -0.44 -9.46 7.08
C MET A 51 -1.68 -8.89 6.37
N LEU A 52 -1.56 -8.82 5.04
CA LEU A 52 -2.56 -8.20 4.18
C LEU A 52 -3.96 -8.72 4.47
N HIS A 53 -4.94 -7.81 4.52
CA HIS A 53 -6.33 -8.21 4.71
C HIS A 53 -7.24 -7.28 3.87
N LEU A 54 -8.56 -7.47 4.03
CA LEU A 54 -9.51 -6.77 3.16
C LEU A 54 -9.35 -5.27 3.20
N GLY A 55 -8.93 -4.73 4.33
CA GLY A 55 -8.70 -3.30 4.42
C GLY A 55 -7.64 -2.84 3.43
N HIS A 56 -6.51 -3.56 3.39
CA HIS A 56 -5.48 -3.23 2.40
C HIS A 56 -6.01 -3.43 0.98
N MET A 57 -6.73 -4.52 0.77
CA MET A 57 -7.19 -4.86 -0.58
C MET A 57 -8.14 -3.79 -1.11
N LYS A 58 -9.03 -3.30 -0.26
CA LYS A 58 -9.96 -2.24 -0.66
C LYS A 58 -9.21 -0.94 -0.95
N GLN A 59 -8.16 -0.64 -0.18
CA GLN A 59 -7.38 0.57 -0.46
C GLN A 59 -6.70 0.46 -1.82
N LEU A 60 -6.16 -0.71 -2.15
CA LEU A 60 -5.55 -0.92 -3.45
C LEU A 60 -6.58 -0.82 -4.57
N GLU A 61 -7.78 -1.37 -4.34
CA GLU A 61 -8.84 -1.26 -5.34
C GLU A 61 -9.18 0.20 -5.60
N GLN A 62 -9.27 1.01 -4.54
CA GLN A 62 -9.58 2.43 -4.71
C GLN A 62 -8.50 3.14 -5.51
N ALA A 63 -7.23 2.88 -5.18
CA ALA A 63 -6.14 3.48 -5.95
C ALA A 63 -6.21 3.09 -7.41
N LYS A 64 -6.45 1.81 -7.68
CA LYS A 64 -6.54 1.31 -9.05
C LYS A 64 -7.67 1.97 -9.81
N LYS A 65 -8.77 2.29 -9.13
CA LYS A 65 -9.95 2.81 -9.79
C LYS A 65 -10.07 4.34 -9.70
N LEU A 66 -8.97 5.03 -9.41
CA LEU A 66 -9.03 6.49 -9.33
C LEU A 66 -9.39 7.12 -10.67
N PHE A 67 -8.97 6.50 -11.77
CA PHE A 67 -9.29 6.96 -13.11
C PHE A 67 -9.67 5.75 -13.96
N GLU A 68 -10.24 6.02 -15.15
CA GLU A 68 -10.80 4.94 -15.94
C GLU A 68 -9.72 3.98 -16.43
N ASN A 69 -8.55 4.50 -16.79
CA ASN A 69 -7.43 3.69 -17.27
C ASN A 69 -6.19 4.00 -16.45
N THR A 70 -5.75 3.05 -15.63
CA THR A 70 -4.62 3.24 -14.73
C THR A 70 -3.63 2.11 -14.87
N THR A 71 -2.41 2.40 -14.45
CA THR A 71 -1.44 1.38 -14.04
C THR A 71 -1.13 1.63 -12.57
N LEU A 72 -1.44 0.67 -11.70
CA LEU A 72 -1.18 0.82 -10.27
C LEU A 72 0.14 0.15 -9.95
N ILE A 73 1.13 0.96 -9.55
CA ILE A 73 2.43 0.49 -9.09
C ILE A 73 2.38 0.50 -7.56
N VAL A 74 2.79 -0.60 -6.94
CA VAL A 74 2.75 -0.71 -5.49
C VAL A 74 4.17 -0.87 -4.99
N GLY A 75 4.56 -0.05 -4.01
CA GLY A 75 5.86 -0.14 -3.39
C GLY A 75 5.75 -0.82 -2.04
N VAL A 76 6.65 -1.77 -1.78
CA VAL A 76 6.65 -2.58 -0.56
C VAL A 76 7.90 -2.24 0.22
N THR A 77 7.75 -1.82 1.47
CA THR A 77 8.90 -1.32 2.22
C THR A 77 9.82 -2.46 2.65
N SER A 78 11.10 -2.14 2.79
CA SER A 78 12.09 -3.13 3.16
C SER A 78 11.91 -3.56 4.63
N ASP A 79 12.40 -4.76 4.95
CA ASP A 79 12.33 -5.25 6.31
C ASP A 79 13.05 -4.32 7.28
N ASN A 80 14.27 -3.89 6.91
CA ASN A 80 15.08 -3.13 7.87
C ASN A 80 14.49 -1.74 8.12
N GLU A 81 13.99 -1.08 7.08
CA GLU A 81 13.43 0.26 7.30
C GLU A 81 12.11 0.19 8.04
N THR A 82 11.31 -0.83 7.75
CA THR A 82 10.07 -1.02 8.49
C THR A 82 10.35 -1.23 9.97
N LYS A 83 11.28 -2.14 10.30
CA LYS A 83 11.65 -2.34 11.69
C LYS A 83 12.17 -1.05 12.32
N LEU A 84 13.02 -0.32 11.61
CA LEU A 84 13.64 0.87 12.19
C LEU A 84 12.62 1.98 12.41
N PHE A 85 11.74 2.21 11.42
CA PHE A 85 10.86 3.38 11.49
C PHE A 85 9.49 3.07 12.06
N LYS A 86 8.97 1.86 11.91
CA LYS A 86 7.71 1.51 12.55
C LYS A 86 7.87 0.73 13.84
N GLY A 87 8.97 -0.01 14.00
CA GLY A 87 9.27 -0.72 15.22
C GLY A 87 9.24 -2.22 15.11
N GLN A 88 8.60 -2.76 14.06
CA GLN A 88 8.37 -4.20 13.97
C GLN A 88 7.88 -4.52 12.56
N VAL A 89 7.96 -5.81 12.19
CA VAL A 89 7.32 -6.32 10.99
C VAL A 89 7.24 -7.84 11.12
N VAL A 90 6.09 -8.40 10.74
CA VAL A 90 5.86 -9.83 10.95
C VAL A 90 6.34 -10.67 9.77
N GLN A 91 5.92 -10.29 8.56
CA GLN A 91 6.25 -11.03 7.35
C GLN A 91 7.46 -10.43 6.65
N THR A 92 8.24 -11.29 6.00
CA THR A 92 9.40 -10.83 5.26
C THR A 92 8.98 -10.04 4.02
N LEU A 93 9.94 -9.30 3.45
CA LEU A 93 9.68 -8.62 2.18
C LEU A 93 9.21 -9.62 1.13
N GLU A 94 9.83 -10.79 1.07
CA GLU A 94 9.43 -11.78 0.08
C GLU A 94 7.98 -12.22 0.27
N GLU A 95 7.59 -12.50 1.52
CA GLU A 95 6.20 -12.90 1.79
C GLU A 95 5.23 -11.77 1.49
N ARG A 96 5.56 -10.55 1.91
CA ARG A 96 4.61 -9.45 1.70
C ARG A 96 4.45 -9.15 0.22
N THR A 97 5.55 -9.24 -0.53
CA THR A 97 5.49 -8.99 -1.96
C THR A 97 4.77 -10.11 -2.69
N GLU A 98 5.07 -11.37 -2.34
CA GLU A 98 4.43 -12.49 -2.99
C GLU A 98 2.92 -12.46 -2.77
N THR A 99 2.47 -11.99 -1.61
CA THR A 99 1.03 -11.89 -1.38
C THR A 99 0.40 -10.86 -2.29
N LEU A 100 1.05 -9.69 -2.43
CA LEU A 100 0.53 -8.63 -3.29
C LEU A 100 0.47 -9.04 -4.76
N LYS A 101 1.38 -9.93 -5.19
CA LYS A 101 1.35 -10.41 -6.57
C LYS A 101 -0.01 -11.04 -6.91
N HIS A 102 -0.70 -11.57 -5.91
CA HIS A 102 -1.96 -12.26 -6.16
C HIS A 102 -3.17 -11.34 -6.15
N ILE A 103 -2.97 -10.04 -5.92
CA ILE A 103 -4.08 -9.09 -5.78
C ILE A 103 -4.41 -8.50 -7.15
N ARG A 104 -5.70 -8.50 -7.49
CA ARG A 104 -6.17 -8.16 -8.84
C ARG A 104 -5.72 -6.76 -9.28
N TRP A 105 -5.75 -5.81 -8.35
CA TRP A 105 -5.57 -4.40 -8.68
C TRP A 105 -4.11 -4.03 -8.90
N VAL A 106 -3.18 -4.87 -8.47
CA VAL A 106 -1.77 -4.53 -8.49
C VAL A 106 -1.22 -4.85 -9.88
N ASP A 107 -0.80 -3.82 -10.60
CA ASP A 107 -0.24 -4.06 -11.92
C ASP A 107 1.27 -4.28 -11.87
N GLU A 108 1.98 -3.53 -11.05
CA GLU A 108 3.44 -3.63 -10.97
C GLU A 108 3.86 -3.41 -9.53
N ILE A 109 4.96 -4.03 -9.13
CA ILE A 109 5.44 -3.93 -7.76
C ILE A 109 6.89 -3.46 -7.77
N ILE A 110 7.21 -2.51 -6.89
CA ILE A 110 8.58 -2.12 -6.60
C ILE A 110 8.89 -2.65 -5.21
N SER A 111 9.79 -3.62 -5.12
CA SER A 111 10.04 -4.33 -3.87
C SER A 111 11.53 -4.63 -3.74
N PRO A 112 12.26 -4.00 -2.81
CA PRO A 112 11.71 -3.02 -1.87
C PRO A 112 11.55 -1.65 -2.51
N CYS A 113 10.70 -0.80 -1.94
CA CYS A 113 10.56 0.57 -2.37
C CYS A 113 11.31 1.50 -1.43
N PRO A 114 11.55 2.74 -1.84
CA PRO A 114 12.12 3.72 -0.89
C PRO A 114 11.13 4.03 0.22
N TRP A 115 11.68 4.36 1.39
CA TRP A 115 10.81 4.75 2.49
C TRP A 115 10.12 6.08 2.20
N VAL A 116 10.83 7.01 1.60
CA VAL A 116 10.32 8.36 1.32
C VAL A 116 10.27 8.56 -0.19
N VAL A 117 9.09 8.94 -0.71
CA VAL A 117 8.95 9.30 -2.12
C VAL A 117 9.69 10.60 -2.37
N THR A 118 10.44 10.65 -3.47
CA THR A 118 11.13 11.84 -3.92
C THR A 118 10.61 12.27 -5.29
N PRO A 119 10.78 13.54 -5.65
CA PRO A 119 10.48 13.95 -7.03
C PRO A 119 11.22 13.13 -8.06
N GLU A 120 12.49 12.80 -7.83
CA GLU A 120 13.24 12.01 -8.80
C GLU A 120 12.63 10.62 -8.97
N PHE A 121 12.08 10.06 -7.90
CA PHE A 121 11.44 8.75 -7.99
C PHE A 121 10.20 8.81 -8.88
N LEU A 122 9.37 9.86 -8.70
CA LEU A 122 8.21 10.02 -9.56
C LEU A 122 8.63 10.13 -11.02
N GLU A 123 9.70 10.87 -11.29
CA GLU A 123 10.17 11.05 -12.66
C GLU A 123 10.72 9.74 -13.23
N LYS A 124 11.47 8.99 -12.43
CA LYS A 124 12.07 7.74 -12.92
C LYS A 124 11.00 6.74 -13.34
N TYR A 125 9.92 6.64 -12.58
CA TYR A 125 8.89 5.64 -12.85
C TYR A 125 7.66 6.24 -13.55
N LYS A 126 7.75 7.49 -14.00
CA LYS A 126 6.69 8.12 -14.79
C LYS A 126 5.36 8.10 -14.05
N ILE A 127 5.41 8.33 -12.75
CA ILE A 127 4.23 8.27 -11.88
C ILE A 127 3.48 9.58 -11.98
N ASP A 128 2.16 9.50 -12.14
CA ASP A 128 1.33 10.70 -12.25
C ASP A 128 0.73 11.11 -10.91
N TYR A 129 0.33 10.13 -10.10
CA TYR A 129 -0.29 10.37 -8.81
C TYR A 129 0.23 9.40 -7.77
N VAL A 130 0.28 9.85 -6.53
CA VAL A 130 0.54 9.01 -5.36
C VAL A 130 -0.77 8.88 -4.60
N ALA A 131 -1.20 7.64 -4.36
CA ALA A 131 -2.44 7.39 -3.63
C ALA A 131 -2.13 7.20 -2.15
N HIS A 132 -2.89 7.87 -1.29
CA HIS A 132 -2.66 7.81 0.15
C HIS A 132 -4.00 7.80 0.86
N ASP A 133 -4.06 7.11 1.99
CA ASP A 133 -5.30 7.00 2.76
C ASP A 133 -5.69 8.32 3.43
N ASP A 144 2.63 18.92 6.06
CA ASP A 144 2.86 17.50 6.26
C ASP A 144 3.89 16.96 5.25
N ILE A 145 4.34 15.72 5.46
CA ILE A 145 5.37 15.12 4.62
C ILE A 145 4.95 15.05 3.16
N TYR A 146 3.66 15.20 2.88
CA TYR A 146 3.13 15.05 1.53
C TYR A 146 2.61 16.36 0.97
N ALA A 147 2.92 17.49 1.62
CA ALA A 147 2.46 18.79 1.11
C ALA A 147 3.00 19.04 -0.30
N TRP A 148 4.26 18.66 -0.56
CA TRP A 148 4.83 18.89 -1.88
C TRP A 148 4.07 18.12 -2.96
N LEU A 149 3.54 16.94 -2.65
CA LEU A 149 2.72 16.23 -3.61
C LEU A 149 1.41 16.96 -3.86
N LYS A 150 0.79 17.47 -2.81
CA LYS A 150 -0.47 18.20 -2.96
C LYS A 150 -0.27 19.49 -3.75
N ARG A 151 0.82 20.21 -3.51
CA ARG A 151 1.09 21.44 -4.25
C ARG A 151 1.28 21.17 -5.74
N ALA A 152 1.66 19.95 -6.10
CA ALA A 152 1.88 19.56 -7.49
C ALA A 152 0.65 18.94 -8.14
N GLY A 153 -0.45 18.75 -7.40
CA GLY A 153 -1.60 18.06 -7.93
C GLY A 153 -1.41 16.56 -8.11
N LYS A 154 -0.40 15.98 -7.46
CA LYS A 154 -0.10 14.56 -7.61
C LYS A 154 -0.51 13.72 -6.41
N PHE A 155 -1.23 14.30 -5.46
CA PHE A 155 -1.69 13.58 -4.27
C PHE A 155 -3.15 13.21 -4.44
N LYS A 156 -3.47 11.92 -4.29
CA LYS A 156 -4.84 11.45 -4.34
C LYS A 156 -5.17 10.74 -3.05
N ALA A 157 -6.13 11.26 -2.30
CA ALA A 157 -6.56 10.64 -1.06
C ALA A 157 -7.58 9.54 -1.35
N THR A 158 -7.39 8.38 -0.76
CA THR A 158 -8.38 7.31 -0.79
C THR A 158 -9.12 7.28 0.53
N GLN A 159 -10.38 6.85 0.48
CA GLN A 159 -11.22 6.84 1.67
C GLN A 159 -10.83 5.69 2.60
N ARG A 160 -10.97 5.94 3.90
CA ARG A 160 -10.63 4.94 4.91
C ARG A 160 -11.40 3.64 4.69
N THR A 161 -10.72 2.52 4.88
CA THR A 161 -11.32 1.20 4.67
C THR A 161 -11.16 0.36 5.91
N GLU A 162 -12.07 -0.58 6.09
CA GLU A 162 -12.02 -1.56 7.17
C GLU A 162 -11.99 -2.97 6.59
N GLY A 163 -11.35 -3.89 7.31
CA GLY A 163 -11.29 -5.28 6.91
C GLY A 163 -11.35 -6.19 8.12
N VAL A 164 -11.34 -7.49 7.84
CA VAL A 164 -11.31 -8.51 8.90
C VAL A 164 -9.85 -8.92 9.05
N SER A 165 -9.20 -8.40 10.09
CA SER A 165 -7.78 -8.59 10.28
C SER A 165 -7.49 -9.92 10.97
N THR A 166 -6.21 -10.31 10.94
CA THR A 166 -5.77 -11.44 11.74
C THR A 166 -6.23 -11.31 13.18
N THR A 167 -6.15 -10.10 13.74
CA THR A 167 -6.63 -9.86 15.09
C THR A 167 -8.12 -10.14 15.20
N ASP A 168 -8.92 -9.60 14.27
CA ASP A 168 -10.35 -9.83 14.29
C ASP A 168 -10.67 -11.32 14.22
N LEU A 169 -9.94 -12.07 13.39
CA LEU A 169 -10.20 -13.50 13.24
C LEU A 169 -9.92 -14.25 14.54
N ILE A 170 -8.77 -13.99 15.17
CA ILE A 170 -8.42 -14.65 16.42
C ILE A 170 -9.45 -14.35 17.51
N VAL A 171 -9.87 -13.09 17.62
CA VAL A 171 -10.85 -12.72 18.64
C VAL A 171 -12.18 -13.43 18.40
N ARG A 172 -12.58 -13.51 17.14
CA ARG A 172 -13.84 -14.16 16.81
C ARG A 172 -13.79 -15.64 17.13
N ILE A 173 -12.66 -16.29 16.85
CA ILE A 173 -12.51 -17.71 17.15
C ILE A 173 -12.52 -17.94 18.66
N LEU A 174 -11.73 -17.15 19.41
CA LEU A 174 -11.59 -17.37 20.85
C LEU A 174 -12.88 -17.13 21.60
N LYS A 175 -13.78 -16.29 21.06
CA LYS A 175 -15.04 -16.01 21.73
C LYS A 175 -15.90 -17.25 21.90
N ASN A 176 -15.66 -18.28 21.09
CA ASN A 176 -16.33 -19.55 21.21
C ASN A 176 -15.80 -20.38 22.37
N TYR A 177 -14.62 -20.05 22.90
CA TYR A 177 -13.98 -20.87 23.90
C TYR A 177 -13.87 -20.21 25.26
N GLU A 178 -13.92 -18.88 25.33
CA GLU A 178 -13.94 -18.20 26.62
C GLU A 178 -14.58 -16.84 26.45
N ASP A 179 -15.15 -16.35 27.55
CA ASP A 179 -15.73 -15.01 27.59
C ASP A 179 -14.65 -13.93 27.67
#